data_8PHX
#
_entry.id   8PHX
#
_cell.length_a   65.163
_cell.length_b   96.272
_cell.length_c   97.278
_cell.angle_alpha   90.00
_cell.angle_beta   90.00
_cell.angle_gamma   90.00
#
_symmetry.space_group_name_H-M   'P 2 21 21'
#
loop_
_entity.id
_entity.type
_entity.pdbx_description
1 polymer 'Histidine protein kinase SLN1'
2 non-polymer 'MAGNESIUM ION'
3 water water
#
_entity_poly.entity_id   1
_entity_poly.type   'polypeptide(L)'
_entity_poly.pdbx_seq_one_letter_code
;GPGDISHLRVLVAEDNLVNQEVISRMLKQEGITNLTMACNGAKAIDFVKESIENNENFDLIFMDVQMPEVDGLKATKMIR
KNLQYNKPIIALTAFADESNVKECLNSGMSGFITKPISKTNIKKVLVEFLSN
;
_entity_poly.pdbx_strand_id   A,B,C,D
#
# COMPACT_ATOMS: atom_id res chain seq x y z
N ASP A 4 9.94 -10.23 -3.94
CA ASP A 4 9.04 -10.28 -5.13
C ASP A 4 8.97 -8.95 -5.87
N ILE A 5 9.91 -8.04 -5.62
CA ILE A 5 9.89 -6.78 -6.36
C ILE A 5 11.16 -6.57 -7.19
N SER A 6 11.96 -7.62 -7.43
CA SER A 6 13.19 -7.46 -8.20
C SER A 6 12.90 -7.20 -9.68
N HIS A 7 11.66 -7.35 -10.11
CA HIS A 7 11.28 -7.04 -11.48
C HIS A 7 11.22 -5.54 -11.75
N LEU A 8 11.26 -4.71 -10.71
CA LEU A 8 11.05 -3.28 -10.91
C LEU A 8 12.34 -2.61 -11.37
N ARG A 9 12.19 -1.61 -12.23
CA ARG A 9 13.28 -0.72 -12.57
C ARG A 9 12.88 0.67 -12.12
N VAL A 10 13.74 1.29 -11.31
CA VAL A 10 13.40 2.54 -10.64
C VAL A 10 14.43 3.59 -10.99
N LEU A 11 13.96 4.80 -11.29
CA LEU A 11 14.80 5.98 -11.46
C LEU A 11 14.64 6.89 -10.25
N VAL A 12 15.78 7.33 -9.70
CA VAL A 12 15.78 8.32 -8.64
C VAL A 12 16.51 9.56 -9.13
N ALA A 13 15.83 10.70 -9.15
CA ALA A 13 16.47 11.97 -9.44
C ALA A 13 16.62 12.70 -8.12
N GLU A 14 17.87 12.99 -7.76
CA GLU A 14 18.21 13.67 -6.53
C GLU A 14 19.57 14.33 -6.73
N ASP A 15 19.64 15.65 -6.48
CA ASP A 15 20.93 16.36 -6.65
C ASP A 15 21.80 16.27 -5.40
N ASN A 16 21.29 15.70 -4.31
CA ASN A 16 22.07 15.48 -3.07
C ASN A 16 22.59 14.04 -3.08
N LEU A 17 23.92 13.88 -3.20
CA LEU A 17 24.53 12.52 -3.29
C LEU A 17 24.38 11.72 -2.01
N VAL A 18 24.42 12.38 -0.85
CA VAL A 18 24.19 11.63 0.41
C VAL A 18 22.76 11.08 0.37
N ASN A 19 21.83 11.91 -0.04
CA ASN A 19 20.43 11.42 -0.20
CA ASN A 19 20.44 11.40 -0.18
C ASN A 19 20.23 10.23 -1.18
N GLN A 20 20.99 10.33 -2.29
CA GLN A 20 20.91 9.23 -3.29
C GLN A 20 21.32 7.91 -2.62
N GLU A 21 22.40 7.94 -1.86
CA GLU A 21 22.89 6.73 -1.18
C GLU A 21 21.84 6.21 -0.20
N VAL A 22 21.23 7.12 0.55
CA VAL A 22 20.23 6.69 1.52
C VAL A 22 19.02 6.03 0.84
N ILE A 23 18.46 6.66 -0.20
CA ILE A 23 17.29 6.09 -0.85
C ILE A 23 17.66 4.80 -1.58
N SER A 24 18.86 4.75 -2.16
CA SER A 24 19.30 3.54 -2.83
C SER A 24 19.34 2.37 -1.86
N ARG A 25 19.93 2.59 -0.68
CA ARG A 25 20.02 1.54 0.34
C ARG A 25 18.63 1.06 0.75
N MET A 26 17.69 2.01 0.94
CA MET A 26 16.33 1.66 1.28
C MET A 26 15.69 0.81 0.20
N LEU A 27 15.85 1.20 -1.08
CA LEU A 27 15.24 0.48 -2.19
C LEU A 27 15.83 -0.92 -2.30
N LYS A 28 17.14 -1.02 -2.13
CA LYS A 28 17.80 -2.32 -2.15
C LYS A 28 17.30 -3.21 -1.03
N GLN A 29 17.15 -2.66 0.20
CA GLN A 29 16.64 -3.43 1.32
C GLN A 29 15.22 -3.93 1.04
N GLU A 30 14.44 -3.19 0.25
CA GLU A 30 13.09 -3.62 -0.10
C GLU A 30 13.11 -4.64 -1.23
N GLY A 31 14.27 -4.87 -1.87
CA GLY A 31 14.37 -5.90 -2.90
C GLY A 31 14.62 -5.38 -4.31
N ILE A 32 14.80 -4.07 -4.49
CA ILE A 32 15.04 -3.52 -5.81
C ILE A 32 16.50 -3.78 -6.16
N THR A 33 16.74 -4.26 -7.38
CA THR A 33 18.09 -4.52 -7.89
C THR A 33 18.42 -3.62 -9.07
N ASN A 34 17.39 -3.08 -9.75
CA ASN A 34 17.58 -2.29 -10.96
CA ASN A 34 17.58 -2.29 -10.96
C ASN A 34 17.27 -0.83 -10.64
N LEU A 35 18.33 -0.06 -10.39
CA LEU A 35 18.22 1.31 -9.94
CA LEU A 35 18.27 1.32 -9.90
C LEU A 35 19.13 2.21 -10.78
N THR A 36 18.61 3.37 -11.18
CA THR A 36 19.38 4.39 -11.89
C THR A 36 19.23 5.71 -11.14
N MET A 37 20.36 6.39 -10.92
CA MET A 37 20.41 7.70 -10.29
C MET A 37 20.59 8.79 -11.35
N ALA A 38 19.90 9.91 -11.14
CA ALA A 38 20.04 11.12 -11.95
C ALA A 38 20.30 12.30 -11.02
N CYS A 39 21.29 13.12 -11.37
CA CYS A 39 21.72 14.25 -10.49
C CYS A 39 20.89 15.51 -10.74
N ASN A 40 20.18 15.57 -11.85
CA ASN A 40 19.35 16.74 -12.15
C ASN A 40 18.24 16.34 -13.11
N GLY A 41 17.36 17.31 -13.44
CA GLY A 41 16.22 17.01 -14.29
C GLY A 41 16.63 16.72 -15.73
N ALA A 42 17.74 17.31 -16.18
CA ALA A 42 18.21 17.06 -17.55
C ALA A 42 18.62 15.60 -17.72
N LYS A 43 19.35 15.08 -16.73
CA LYS A 43 19.78 13.69 -16.72
C LYS A 43 18.57 12.77 -16.61
N ALA A 44 17.59 13.19 -15.80
CA ALA A 44 16.40 12.41 -15.63
C ALA A 44 15.69 12.24 -16.96
N ILE A 45 15.52 13.34 -17.71
CA ILE A 45 14.85 13.28 -19.01
C ILE A 45 15.60 12.32 -19.94
N ASP A 46 16.91 12.51 -20.00
CA ASP A 46 17.77 11.70 -20.84
C ASP A 46 17.55 10.20 -20.54
N PHE A 47 17.54 9.85 -19.24
CA PHE A 47 17.42 8.44 -18.87
C PHE A 47 16.06 7.87 -19.23
N VAL A 48 15.01 8.65 -19.07
CA VAL A 48 13.69 8.14 -19.41
C VAL A 48 13.60 7.90 -20.92
N LYS A 49 14.11 8.86 -21.70
CA LYS A 49 14.00 8.74 -23.15
C LYS A 49 14.61 7.41 -23.61
N GLU A 50 15.84 7.13 -23.13
CA GLU A 50 16.54 5.89 -23.44
C GLU A 50 15.71 4.66 -23.06
N SER A 51 15.11 4.68 -21.87
CA SER A 51 14.42 3.54 -21.32
C SER A 51 13.22 3.15 -22.17
N ILE A 52 12.54 4.15 -22.76
CA ILE A 52 11.37 3.92 -23.60
C ILE A 52 11.82 3.31 -24.92
N GLU A 53 12.93 3.83 -25.45
CA GLU A 53 13.47 3.36 -26.72
C GLU A 53 13.90 1.90 -26.60
N ASN A 54 14.57 1.56 -25.49
CA ASN A 54 15.32 0.32 -25.36
C ASN A 54 14.55 -0.76 -24.62
N ASN A 55 13.27 -0.52 -24.34
CA ASN A 55 12.46 -1.45 -23.56
C ASN A 55 13.21 -1.83 -22.28
N GLU A 56 13.77 -0.83 -21.62
CA GLU A 56 14.24 -0.97 -20.24
C GLU A 56 13.49 0.07 -19.41
N ASN A 57 12.17 0.02 -19.51
CA ASN A 57 11.27 1.06 -19.04
C ASN A 57 11.36 1.17 -17.52
N PHE A 58 11.24 2.40 -17.00
CA PHE A 58 11.15 2.58 -15.56
C PHE A 58 9.71 2.35 -15.11
N ASP A 59 9.55 1.53 -14.08
CA ASP A 59 8.23 1.27 -13.51
C ASP A 59 7.76 2.45 -12.67
N LEU A 60 8.71 3.24 -12.17
CA LEU A 60 8.47 4.27 -11.17
C LEU A 60 9.65 5.24 -11.21
N ILE A 61 9.35 6.53 -11.01
CA ILE A 61 10.37 7.54 -10.83
C ILE A 61 10.13 8.24 -9.50
N PHE A 62 11.21 8.41 -8.74
CA PHE A 62 11.23 9.32 -7.60
C PHE A 62 11.94 10.60 -8.03
N MET A 63 11.26 11.73 -7.92
CA MET A 63 11.75 12.96 -8.53
C MET A 63 11.90 14.03 -7.46
N ASP A 64 13.14 14.37 -7.12
CA ASP A 64 13.38 15.50 -6.24
C ASP A 64 12.82 16.76 -6.91
N VAL A 65 12.12 17.62 -6.14
CA VAL A 65 11.53 18.78 -6.76
C VAL A 65 12.59 19.84 -7.11
N GLN A 66 13.53 20.08 -6.20
CA GLN A 66 14.48 21.17 -6.38
C GLN A 66 15.86 20.61 -6.74
N MET A 67 16.24 20.86 -7.99
CA MET A 67 17.50 20.44 -8.53
C MET A 67 18.02 21.55 -9.44
N PRO A 68 19.35 21.63 -9.65
CA PRO A 68 19.90 22.67 -10.52
C PRO A 68 19.73 22.28 -11.98
N GLU A 69 19.84 23.29 -12.85
CA GLU A 69 19.89 23.16 -14.31
C GLU A 69 18.47 22.95 -14.83
N VAL A 70 17.86 21.82 -14.47
CA VAL A 70 16.46 21.54 -14.76
C VAL A 70 15.86 20.95 -13.48
N ASP A 71 14.84 21.60 -12.93
CA ASP A 71 14.27 21.14 -11.68
C ASP A 71 13.29 20.01 -11.92
N GLY A 72 12.77 19.44 -10.84
CA GLY A 72 11.85 18.32 -10.93
C GLY A 72 10.53 18.64 -11.60
N LEU A 73 10.06 19.87 -11.47
CA LEU A 73 8.79 20.24 -12.08
C LEU A 73 8.95 20.26 -13.59
N LYS A 74 10.00 20.93 -14.08
CA LYS A 74 10.26 21.01 -15.51
C LYS A 74 10.53 19.62 -16.07
N ALA A 75 11.30 18.81 -15.32
CA ALA A 75 11.61 17.47 -15.77
C ALA A 75 10.33 16.64 -15.87
N THR A 76 9.48 16.73 -14.84
CA THR A 76 8.23 15.97 -14.85
C THR A 76 7.35 16.36 -16.03
N LYS A 77 7.22 17.65 -16.33
CA LYS A 77 6.42 18.09 -17.47
C LYS A 77 6.98 17.51 -18.78
N MET A 78 8.31 17.56 -18.95
CA MET A 78 8.91 17.01 -20.17
C MET A 78 8.66 15.51 -20.26
N ILE A 79 8.85 14.81 -19.14
CA ILE A 79 8.70 13.37 -19.14
C ILE A 79 7.25 12.98 -19.42
N ARG A 80 6.29 13.70 -18.83
CA ARG A 80 4.87 13.45 -19.07
C ARG A 80 4.45 13.79 -20.49
N LYS A 81 4.79 14.99 -20.97
CA LYS A 81 4.15 15.51 -22.17
C LYS A 81 4.97 15.28 -23.43
N ASN A 82 6.29 15.43 -23.33
CA ASN A 82 7.19 15.22 -24.45
C ASN A 82 7.49 13.74 -24.64
N LEU A 83 7.84 13.02 -23.56
CA LEU A 83 8.18 11.60 -23.63
C LEU A 83 6.96 10.70 -23.43
N GLN A 84 5.82 11.26 -22.99
CA GLN A 84 4.55 10.56 -22.88
C GLN A 84 4.68 9.39 -21.91
N TYR A 85 5.47 9.59 -20.86
CA TYR A 85 5.59 8.63 -19.78
C TYR A 85 4.37 8.75 -18.88
N ASN A 86 3.66 7.64 -18.63
CA ASN A 86 2.40 7.69 -17.91
C ASN A 86 2.43 6.86 -16.63
N LYS A 87 3.63 6.49 -16.15
CA LYS A 87 3.74 5.67 -14.95
C LYS A 87 3.96 6.59 -13.74
N PRO A 88 3.98 6.06 -12.50
CA PRO A 88 4.05 6.93 -11.33
C PRO A 88 5.35 7.73 -11.24
N ILE A 89 5.18 9.01 -10.91
CA ILE A 89 6.27 9.91 -10.56
C ILE A 89 5.95 10.47 -9.18
N ILE A 90 6.84 10.18 -8.23
CA ILE A 90 6.64 10.55 -6.84
C ILE A 90 7.62 11.67 -6.52
N ALA A 91 7.09 12.83 -6.11
CA ALA A 91 7.94 13.97 -5.80
C ALA A 91 8.58 13.76 -4.42
N LEU A 92 9.85 14.17 -4.29
CA LEU A 92 10.53 14.26 -3.02
C LEU A 92 10.62 15.74 -2.71
N THR A 93 10.01 16.20 -1.62
CA THR A 93 9.89 17.61 -1.32
C THR A 93 10.31 17.89 0.12
N ALA A 94 11.10 18.96 0.30
CA ALA A 94 11.57 19.36 1.62
C ALA A 94 10.49 20.14 2.35
N PHE A 95 9.48 20.63 1.61
CA PHE A 95 8.50 21.52 2.21
C PHE A 95 7.29 21.55 1.29
N ALA A 96 6.15 21.10 1.81
CA ALA A 96 4.92 21.05 1.04
C ALA A 96 3.90 22.03 1.62
N ASP A 97 3.59 23.08 0.85
CA ASP A 97 2.51 24.01 1.17
C ASP A 97 1.56 24.15 -0.01
N GLU A 98 0.45 24.89 0.20
CA GLU A 98 -0.66 24.90 -0.74
C GLU A 98 -0.22 25.33 -2.14
N SER A 99 0.56 26.41 -2.22
CA SER A 99 1.05 26.95 -3.49
CA SER A 99 1.02 26.93 -3.50
C SER A 99 1.92 25.94 -4.22
N ASN A 100 2.96 25.43 -3.54
CA ASN A 100 3.93 24.62 -4.24
C ASN A 100 3.36 23.23 -4.51
N VAL A 101 2.35 22.78 -3.76
CA VAL A 101 1.73 21.51 -4.05
C VAL A 101 0.91 21.61 -5.34
N LYS A 102 0.13 22.69 -5.50
CA LYS A 102 -0.63 22.86 -6.73
C LYS A 102 0.29 22.87 -7.95
N GLU A 103 1.43 23.53 -7.82
CA GLU A 103 2.45 23.58 -8.87
C GLU A 103 2.93 22.16 -9.22
N CYS A 104 3.20 21.35 -8.19
CA CYS A 104 3.64 19.97 -8.36
C CYS A 104 2.59 19.14 -9.08
N LEU A 105 1.34 19.24 -8.62
CA LEU A 105 0.25 18.49 -9.25
C LEU A 105 0.09 18.90 -10.71
N ASN A 106 0.20 20.21 -10.99
CA ASN A 106 0.05 20.71 -12.35
C ASN A 106 1.18 20.19 -13.25
N SER A 107 2.35 19.92 -12.67
CA SER A 107 3.48 19.44 -13.44
C SER A 107 3.28 17.98 -13.86
N GLY A 108 2.41 17.24 -13.16
CA GLY A 108 2.06 15.86 -13.47
C GLY A 108 2.54 14.84 -12.43
N MET A 109 2.87 15.30 -11.22
CA MET A 109 3.30 14.40 -10.17
C MET A 109 2.15 13.49 -9.75
N SER A 110 2.47 12.24 -9.44
CA SER A 110 1.48 11.25 -9.02
C SER A 110 1.22 11.31 -7.51
N GLY A 111 2.14 11.91 -6.76
CA GLY A 111 2.12 11.92 -5.31
C GLY A 111 3.44 12.48 -4.80
N PHE A 112 3.61 12.55 -3.47
CA PHE A 112 4.83 13.11 -2.92
C PHE A 112 5.12 12.47 -1.57
N ILE A 113 6.38 12.58 -1.20
CA ILE A 113 6.92 12.21 0.11
C ILE A 113 7.70 13.42 0.61
N THR A 114 7.45 13.82 1.86
CA THR A 114 8.29 14.86 2.45
C THR A 114 9.61 14.25 2.90
N LYS A 115 10.69 15.01 2.65
CA LYS A 115 12.01 14.61 3.09
C LYS A 115 12.15 15.01 4.55
N PRO A 116 12.91 14.26 5.38
CA PRO A 116 13.61 13.05 4.94
C PRO A 116 12.64 11.88 4.79
N ILE A 117 12.92 11.00 3.85
CA ILE A 117 12.07 9.87 3.57
C ILE A 117 12.34 8.76 4.58
N SER A 118 11.36 7.89 4.73
CA SER A 118 11.49 6.70 5.56
C SER A 118 11.20 5.46 4.73
N LYS A 119 11.69 4.29 5.20
CA LYS A 119 11.42 3.03 4.51
C LYS A 119 9.92 2.80 4.34
N THR A 120 9.13 3.24 5.33
CA THR A 120 7.67 3.02 5.26
C THR A 120 7.07 3.74 4.05
N ASN A 121 7.63 4.91 3.73
CA ASN A 121 7.14 5.66 2.59
C ASN A 121 7.39 4.91 1.28
N ILE A 122 8.55 4.24 1.20
CA ILE A 122 8.88 3.43 0.03
C ILE A 122 7.94 2.24 -0.09
N LYS A 123 7.76 1.48 1.00
CA LYS A 123 6.83 0.37 1.02
C LYS A 123 5.43 0.82 0.59
N LYS A 124 4.98 1.95 1.12
CA LYS A 124 3.63 2.40 0.83
C LYS A 124 3.52 2.72 -0.65
N VAL A 125 4.50 3.43 -1.21
CA VAL A 125 4.44 3.72 -2.64
C VAL A 125 4.34 2.43 -3.46
N LEU A 126 5.16 1.44 -3.12
CA LEU A 126 5.17 0.18 -3.86
C LEU A 126 3.80 -0.52 -3.82
N VAL A 127 3.17 -0.61 -2.65
CA VAL A 127 1.93 -1.37 -2.56
C VAL A 127 0.82 -0.60 -3.26
N GLU A 128 0.79 0.74 -3.11
CA GLU A 128 -0.30 1.53 -3.65
C GLU A 128 -0.23 1.61 -5.17
N PHE A 129 0.97 1.81 -5.72
CA PHE A 129 1.11 2.10 -7.14
C PHE A 129 1.51 0.88 -7.97
N LEU A 130 2.19 -0.12 -7.37
CA LEU A 130 2.84 -1.15 -8.16
C LEU A 130 2.49 -2.55 -7.67
N SER A 131 1.27 -2.71 -7.16
CA SER A 131 0.75 -4.04 -6.85
C SER A 131 0.00 -4.59 -8.06
N GLY B 3 1.93 -38.39 -4.16
CA GLY B 3 0.85 -38.87 -5.03
C GLY B 3 1.38 -39.52 -6.31
N ASP B 4 0.47 -40.14 -7.06
CA ASP B 4 0.80 -40.82 -8.31
C ASP B 4 0.42 -39.92 -9.48
N ILE B 5 1.22 -38.86 -9.65
CA ILE B 5 0.90 -37.80 -10.59
C ILE B 5 2.09 -37.51 -11.51
N SER B 6 2.95 -38.52 -11.72
CA SER B 6 4.17 -38.32 -12.49
C SER B 6 3.86 -38.09 -13.98
N HIS B 7 2.61 -38.28 -14.41
CA HIS B 7 2.25 -38.03 -15.79
C HIS B 7 2.14 -36.51 -16.09
N LEU B 8 2.08 -35.71 -15.04
CA LEU B 8 1.81 -34.27 -15.27
C LEU B 8 3.03 -33.50 -15.80
N ARG B 9 2.79 -32.64 -16.77
CA ARG B 9 3.83 -31.72 -17.23
C ARG B 9 3.46 -30.34 -16.73
N VAL B 10 4.35 -29.75 -15.92
CA VAL B 10 4.06 -28.48 -15.26
C VAL B 10 5.05 -27.43 -15.72
N LEU B 11 4.54 -26.23 -16.00
CA LEU B 11 5.34 -25.03 -16.22
C LEU B 11 5.25 -24.12 -15.00
N VAL B 12 6.39 -23.58 -14.54
CA VAL B 12 6.44 -22.59 -13.49
C VAL B 12 7.14 -21.36 -14.05
N ALA B 13 6.44 -20.24 -14.08
CA ALA B 13 7.05 -18.95 -14.42
C ALA B 13 7.24 -18.16 -13.12
N GLU B 14 8.50 -17.79 -12.83
CA GLU B 14 8.88 -17.14 -11.60
C GLU B 14 10.22 -16.46 -11.87
N ASP B 15 10.33 -15.18 -11.59
CA ASP B 15 11.60 -14.44 -11.88
C ASP B 15 12.56 -14.53 -10.69
N ASN B 16 12.08 -15.10 -9.58
CA ASN B 16 12.93 -15.29 -8.38
C ASN B 16 13.44 -16.74 -8.34
N LEU B 17 14.75 -16.91 -8.46
CA LEU B 17 15.34 -18.28 -8.52
C LEU B 17 15.20 -19.03 -7.19
N VAL B 18 15.23 -18.34 -6.07
CA VAL B 18 14.97 -19.05 -4.78
C VAL B 18 13.55 -19.61 -4.80
N ASN B 19 12.61 -18.79 -5.26
CA ASN B 19 11.18 -19.22 -5.31
C ASN B 19 11.04 -20.41 -6.28
N GLN B 20 11.73 -20.35 -7.42
CA GLN B 20 11.69 -21.49 -8.36
C GLN B 20 12.10 -22.79 -7.65
N GLU B 21 13.19 -22.72 -6.89
CA GLU B 21 13.69 -23.93 -6.19
C GLU B 21 12.67 -24.42 -5.15
N VAL B 22 12.12 -23.49 -4.38
CA VAL B 22 11.14 -23.85 -3.37
C VAL B 22 9.94 -24.55 -4.00
N ILE B 23 9.33 -23.94 -5.05
CA ILE B 23 8.14 -24.52 -5.65
C ILE B 23 8.50 -25.84 -6.33
N SER B 24 9.69 -25.91 -6.94
CA SER B 24 10.11 -27.14 -7.59
CA SER B 24 10.16 -27.13 -7.58
C SER B 24 10.15 -28.27 -6.57
N ARG B 25 10.71 -27.99 -5.38
CA ARG B 25 10.82 -29.01 -4.34
C ARG B 25 9.44 -29.46 -3.87
N MET B 26 8.52 -28.50 -3.70
CA MET B 26 7.18 -28.86 -3.25
C MET B 26 6.53 -29.76 -4.29
N LEU B 27 6.61 -29.38 -5.58
CA LEU B 27 5.99 -30.15 -6.65
C LEU B 27 6.59 -31.57 -6.71
N LYS B 28 7.92 -31.67 -6.54
CA LYS B 28 8.58 -32.97 -6.59
C LYS B 28 8.13 -33.86 -5.43
N GLN B 29 7.97 -33.27 -4.25
CA GLN B 29 7.48 -34.01 -3.09
C GLN B 29 6.06 -34.53 -3.31
N GLU B 30 5.25 -33.81 -4.12
CA GLU B 30 3.91 -34.26 -4.44
C GLU B 30 3.91 -35.32 -5.53
N GLY B 31 5.05 -35.52 -6.21
CA GLY B 31 5.20 -36.60 -7.17
C GLY B 31 5.45 -36.13 -8.61
N ILE B 32 5.56 -34.81 -8.81
CA ILE B 32 5.79 -34.27 -10.14
C ILE B 32 7.25 -34.50 -10.51
N THR B 33 7.49 -34.95 -11.75
CA THR B 33 8.85 -35.17 -12.24
C THR B 33 9.16 -34.28 -13.43
N ASN B 34 8.12 -33.86 -14.17
CA ASN B 34 8.28 -33.17 -15.43
C ASN B 34 7.97 -31.68 -15.21
N LEU B 35 9.02 -30.89 -14.97
CA LEU B 35 8.94 -29.50 -14.56
C LEU B 35 9.77 -28.67 -15.51
N THR B 36 9.22 -27.56 -15.97
CA THR B 36 9.94 -26.57 -16.76
C THR B 36 9.84 -25.23 -16.04
N MET B 37 10.96 -24.52 -15.93
CA MET B 37 11.02 -23.19 -15.34
C MET B 37 11.12 -22.13 -16.45
N ALA B 38 10.45 -21.00 -16.23
CA ALA B 38 10.51 -19.82 -17.08
C ALA B 38 10.81 -18.60 -16.20
N CYS B 39 11.80 -17.78 -16.60
CA CYS B 39 12.23 -16.66 -15.78
C CYS B 39 11.39 -15.40 -15.99
N ASN B 40 10.57 -15.37 -17.06
CA ASN B 40 9.72 -14.23 -17.33
C ASN B 40 8.58 -14.68 -18.23
N GLY B 41 7.64 -13.77 -18.48
CA GLY B 41 6.45 -14.08 -19.26
C GLY B 41 6.74 -14.42 -20.72
N ALA B 42 7.78 -13.81 -21.30
CA ALA B 42 8.13 -14.07 -22.68
C ALA B 42 8.62 -15.52 -22.80
N LYS B 43 9.44 -15.98 -21.86
CA LYS B 43 9.93 -17.35 -21.87
C LYS B 43 8.76 -18.32 -21.66
N ALA B 44 7.82 -17.94 -20.79
CA ALA B 44 6.66 -18.80 -20.56
C ALA B 44 5.86 -18.99 -21.85
N ILE B 45 5.59 -17.90 -22.57
CA ILE B 45 4.85 -17.96 -23.82
C ILE B 45 5.60 -18.88 -24.79
N ASP B 46 6.92 -18.68 -24.89
CA ASP B 46 7.71 -19.44 -25.83
C ASP B 46 7.60 -20.94 -25.54
N PHE B 47 7.68 -21.32 -24.26
CA PHE B 47 7.57 -22.72 -23.88
C PHE B 47 6.20 -23.29 -24.20
N VAL B 48 5.13 -22.53 -23.93
CA VAL B 48 3.81 -23.01 -24.25
C VAL B 48 3.65 -23.18 -25.77
N LYS B 49 4.12 -22.23 -26.56
CA LYS B 49 4.03 -22.37 -28.00
C LYS B 49 4.75 -23.64 -28.47
N GLU B 50 5.98 -23.87 -27.98
CA GLU B 50 6.74 -25.05 -28.36
C GLU B 50 5.99 -26.33 -27.95
N SER B 51 5.38 -26.33 -26.77
CA SER B 51 4.67 -27.49 -26.25
C SER B 51 3.49 -27.86 -27.15
N ILE B 52 2.83 -26.87 -27.75
CA ILE B 52 1.69 -27.11 -28.63
C ILE B 52 2.17 -27.62 -29.98
N GLU B 53 3.21 -26.99 -30.51
CA GLU B 53 3.74 -27.35 -31.82
C GLU B 53 4.24 -28.79 -31.80
N ASN B 54 4.66 -29.26 -30.62
CA ASN B 54 5.30 -30.56 -30.46
C ASN B 54 4.41 -31.59 -29.79
N ASN B 55 3.20 -31.24 -29.37
CA ASN B 55 2.32 -32.15 -28.64
C ASN B 55 3.01 -32.67 -27.37
N GLU B 56 3.59 -31.76 -26.59
CA GLU B 56 4.06 -32.08 -25.25
C GLU B 56 3.43 -31.05 -24.32
N ASN B 57 2.10 -31.08 -24.28
CA ASN B 57 1.33 -29.99 -23.70
C ASN B 57 1.54 -29.97 -22.20
N PHE B 58 1.49 -28.77 -21.63
CA PHE B 58 1.50 -28.60 -20.19
C PHE B 58 0.13 -28.86 -19.60
N ASP B 59 0.08 -29.57 -18.50
CA ASP B 59 -1.22 -29.84 -17.84
C ASP B 59 -1.59 -28.72 -16.87
N LEU B 60 -0.60 -27.93 -16.48
CA LEU B 60 -0.80 -26.88 -15.47
C LEU B 60 0.32 -25.85 -15.56
N ILE B 61 -0.05 -24.59 -15.35
CA ILE B 61 0.93 -23.51 -15.32
C ILE B 61 0.77 -22.77 -13.99
N PHE B 62 1.88 -22.56 -13.28
CA PHE B 62 1.96 -21.62 -12.19
C PHE B 62 2.63 -20.36 -12.72
N MET B 63 1.94 -19.23 -12.58
CA MET B 63 2.36 -18.00 -13.22
C MET B 63 2.55 -16.90 -12.17
N ASP B 64 3.79 -16.54 -11.90
CA ASP B 64 4.06 -15.37 -11.10
C ASP B 64 3.47 -14.14 -11.78
N VAL B 65 2.77 -13.30 -11.03
CA VAL B 65 2.15 -12.14 -11.63
C VAL B 65 3.22 -11.12 -12.06
N GLN B 66 4.17 -10.79 -11.19
CA GLN B 66 5.12 -9.70 -11.45
C GLN B 66 6.48 -10.26 -11.85
N MET B 67 6.80 -10.08 -13.14
CA MET B 67 8.05 -10.52 -13.73
C MET B 67 8.49 -9.44 -14.71
N PRO B 68 9.80 -9.30 -14.98
CA PRO B 68 10.25 -8.27 -15.91
C PRO B 68 10.02 -8.68 -17.36
N GLU B 69 10.09 -7.68 -18.24
CA GLU B 69 9.96 -7.80 -19.68
C GLU B 69 8.50 -8.04 -20.08
N VAL B 70 7.95 -9.18 -19.67
CA VAL B 70 6.57 -9.56 -19.90
C VAL B 70 6.08 -10.15 -18.58
N ASP B 71 5.08 -9.49 -17.97
CA ASP B 71 4.57 -9.91 -16.67
C ASP B 71 3.60 -11.08 -16.87
N GLY B 72 3.11 -11.60 -15.75
CA GLY B 72 2.23 -12.77 -15.79
C GLY B 72 0.86 -12.49 -16.42
N LEU B 73 0.37 -11.26 -16.30
CA LEU B 73 -0.92 -10.88 -16.85
C LEU B 73 -0.82 -10.94 -18.38
N LYS B 74 0.18 -10.27 -18.95
CA LYS B 74 0.37 -10.26 -20.39
C LYS B 74 0.63 -11.68 -20.89
N ALA B 75 1.44 -12.46 -20.16
CA ALA B 75 1.71 -13.83 -20.59
C ALA B 75 0.42 -14.66 -20.59
N THR B 76 -0.39 -14.52 -19.55
CA THR B 76 -1.61 -15.30 -19.45
C THR B 76 -2.57 -14.96 -20.58
N LYS B 77 -2.70 -13.67 -20.90
CA LYS B 77 -3.56 -13.28 -22.00
C LYS B 77 -3.12 -13.92 -23.31
N MET B 78 -1.82 -13.91 -23.57
CA MET B 78 -1.28 -14.51 -24.79
C MET B 78 -1.54 -16.02 -24.80
N ILE B 79 -1.26 -16.66 -23.66
CA ILE B 79 -1.39 -18.10 -23.57
C ILE B 79 -2.85 -18.51 -23.74
N ARG B 80 -3.79 -17.74 -23.21
CA ARG B 80 -5.22 -18.01 -23.37
C ARG B 80 -5.68 -17.70 -24.80
N LYS B 81 -5.34 -16.52 -25.32
CA LYS B 81 -6.07 -15.98 -26.47
C LYS B 81 -5.31 -16.22 -27.78
N ASN B 82 -3.99 -16.26 -27.72
CA ASN B 82 -3.19 -16.60 -28.89
C ASN B 82 -3.00 -18.12 -28.97
N LEU B 83 -2.73 -18.79 -27.84
CA LEU B 83 -2.35 -20.19 -27.87
C LEU B 83 -3.49 -21.11 -27.42
N GLN B 84 -4.66 -20.54 -27.11
CA GLN B 84 -5.87 -21.31 -26.83
C GLN B 84 -5.69 -22.32 -25.70
N TYR B 85 -4.84 -22.00 -24.72
CA TYR B 85 -4.61 -22.86 -23.58
C TYR B 85 -5.85 -22.83 -22.70
N ASN B 86 -6.41 -23.99 -22.35
CA ASN B 86 -7.68 -24.01 -21.64
C ASN B 86 -7.53 -24.71 -20.29
N LYS B 87 -6.30 -25.06 -19.89
CA LYS B 87 -6.03 -25.76 -18.65
C LYS B 87 -5.67 -24.76 -17.55
N PRO B 88 -5.48 -25.21 -16.28
CA PRO B 88 -5.31 -24.26 -15.21
C PRO B 88 -4.05 -23.39 -15.24
N ILE B 89 -4.26 -22.10 -15.03
CA ILE B 89 -3.17 -21.16 -14.83
C ILE B 89 -3.39 -20.55 -13.46
N ILE B 90 -2.46 -20.83 -12.54
CA ILE B 90 -2.57 -20.42 -11.15
C ILE B 90 -1.64 -19.24 -10.93
N ALA B 91 -2.18 -18.08 -10.59
CA ALA B 91 -1.37 -16.91 -10.31
C ALA B 91 -0.65 -17.04 -8.96
N LEU B 92 0.64 -16.66 -8.92
CA LEU B 92 1.34 -16.49 -7.65
C LEU B 92 1.46 -14.99 -7.39
N THR B 93 0.86 -14.49 -6.30
CA THR B 93 0.71 -13.05 -6.10
C THR B 93 1.15 -12.65 -4.69
N ALA B 94 1.85 -11.53 -4.58
CA ALA B 94 2.37 -11.04 -3.30
C ALA B 94 1.32 -10.24 -2.54
N PHE B 95 0.31 -9.72 -3.23
CA PHE B 95 -0.72 -8.90 -2.59
C PHE B 95 -1.97 -8.92 -3.45
N ALA B 96 -3.11 -9.23 -2.84
CA ALA B 96 -4.33 -9.41 -3.61
C ALA B 96 -5.41 -8.51 -3.02
N ASP B 97 -5.86 -7.55 -3.82
CA ASP B 97 -6.99 -6.69 -3.47
C ASP B 97 -8.02 -6.72 -4.61
N GLU B 98 -9.16 -6.05 -4.39
CA GLU B 98 -10.28 -6.16 -5.33
C GLU B 98 -9.84 -5.76 -6.74
N SER B 99 -9.10 -4.67 -6.86
CA SER B 99 -8.73 -4.13 -8.16
C SER B 99 -7.78 -5.07 -8.90
N ASN B 100 -6.74 -5.55 -8.22
CA ASN B 100 -5.75 -6.34 -8.94
C ASN B 100 -6.28 -7.76 -9.14
N VAL B 101 -7.17 -8.24 -8.27
CA VAL B 101 -7.77 -9.54 -8.48
C VAL B 101 -8.64 -9.48 -9.75
N LYS B 102 -9.43 -8.41 -9.90
CA LYS B 102 -10.26 -8.31 -11.09
C LYS B 102 -9.41 -8.33 -12.36
N GLU B 103 -8.27 -7.64 -12.31
CA GLU B 103 -7.31 -7.58 -13.40
C GLU B 103 -6.79 -8.99 -13.71
N CYS B 104 -6.45 -9.75 -12.65
CA CYS B 104 -5.96 -11.11 -12.82
C CYS B 104 -7.02 -12.00 -13.45
N LEU B 105 -8.27 -11.90 -12.97
CA LEU B 105 -9.34 -12.68 -13.54
C LEU B 105 -9.55 -12.32 -15.01
N ASN B 106 -9.51 -11.03 -15.33
CA ASN B 106 -9.72 -10.59 -16.70
C ASN B 106 -8.62 -11.11 -17.62
N SER B 107 -7.40 -11.31 -17.09
CA SER B 107 -6.29 -11.78 -17.92
C SER B 107 -6.45 -13.27 -18.25
N GLY B 108 -7.23 -14.00 -17.45
CA GLY B 108 -7.50 -15.41 -17.73
C GLY B 108 -6.98 -16.39 -16.66
N MET B 109 -6.61 -15.88 -15.48
CA MET B 109 -6.14 -16.74 -14.40
C MET B 109 -7.27 -17.62 -13.88
N SER B 110 -6.96 -18.89 -13.56
CA SER B 110 -7.91 -19.88 -13.07
C SER B 110 -8.05 -19.84 -11.55
N GLY B 111 -7.05 -19.29 -10.90
CA GLY B 111 -7.05 -19.24 -9.45
C GLY B 111 -5.74 -18.61 -9.01
N PHE B 112 -5.50 -18.59 -7.70
CA PHE B 112 -4.34 -17.87 -7.17
C PHE B 112 -3.89 -18.47 -5.83
N ILE B 113 -2.62 -18.21 -5.56
CA ILE B 113 -2.02 -18.51 -4.28
C ILE B 113 -1.25 -17.26 -3.88
N THR B 114 -1.48 -16.76 -2.66
CA THR B 114 -0.66 -15.67 -2.16
C THR B 114 0.69 -16.21 -1.71
N LYS B 115 1.72 -15.42 -1.99
CA LYS B 115 3.09 -15.74 -1.60
C LYS B 115 3.26 -15.23 -0.17
N PRO B 116 4.09 -15.89 0.68
CA PRO B 116 4.82 -17.09 0.28
C PRO B 116 3.92 -18.31 0.20
N ILE B 117 4.23 -19.21 -0.72
CA ILE B 117 3.38 -20.37 -0.94
C ILE B 117 3.71 -21.44 0.11
N SER B 118 2.75 -22.36 0.29
CA SER B 118 2.87 -23.49 1.20
CA SER B 118 2.84 -23.48 1.22
C SER B 118 2.53 -24.78 0.48
N LYS B 119 3.04 -25.92 0.98
CA LYS B 119 2.81 -27.20 0.35
C LYS B 119 1.34 -27.50 0.17
N THR B 120 0.50 -27.15 1.16
CA THR B 120 -0.91 -27.49 1.10
C THR B 120 -1.58 -26.74 -0.06
N ASN B 121 -1.10 -25.53 -0.38
CA ASN B 121 -1.66 -24.81 -1.50
C ASN B 121 -1.45 -25.59 -2.79
N ILE B 122 -0.25 -26.16 -2.92
CA ILE B 122 0.11 -26.93 -4.11
C ILE B 122 -0.73 -28.21 -4.13
N LYS B 123 -0.82 -28.88 -2.98
CA LYS B 123 -1.59 -30.11 -2.93
C LYS B 123 -3.04 -29.85 -3.33
N LYS B 124 -3.63 -28.75 -2.87
CA LYS B 124 -5.03 -28.53 -3.17
C LYS B 124 -5.26 -28.22 -4.65
N VAL B 125 -4.35 -27.49 -5.29
CA VAL B 125 -4.51 -27.20 -6.73
C VAL B 125 -4.47 -28.52 -7.52
N LEU B 126 -3.54 -29.39 -7.17
CA LEU B 126 -3.33 -30.62 -7.96
C LEU B 126 -4.57 -31.51 -7.84
N VAL B 127 -5.11 -31.60 -6.64
CA VAL B 127 -6.32 -32.44 -6.43
C VAL B 127 -7.54 -31.76 -7.05
N GLU B 128 -7.74 -30.47 -6.78
CA GLU B 128 -8.97 -29.80 -7.25
C GLU B 128 -9.05 -29.69 -8.76
N PHE B 129 -7.93 -29.37 -9.40
CA PHE B 129 -8.03 -29.08 -10.85
C PHE B 129 -7.61 -30.27 -11.72
N LEU B 130 -6.81 -31.22 -11.21
CA LEU B 130 -6.24 -32.27 -12.10
C LEU B 130 -6.60 -33.71 -11.69
N SER B 131 -7.10 -33.95 -10.49
CA SER B 131 -7.32 -35.34 -10.03
C SER B 131 -8.57 -35.95 -10.70
N PRO C 2 16.32 38.45 19.59
CA PRO C 2 16.43 37.15 18.89
C PRO C 2 15.03 36.58 18.60
N GLY C 3 14.87 36.04 17.39
CA GLY C 3 13.63 35.43 16.95
C GLY C 3 13.19 34.30 17.87
N ASP C 4 11.89 34.22 18.11
CA ASP C 4 11.36 33.42 19.19
C ASP C 4 9.96 32.92 18.82
N ILE C 5 9.59 31.73 19.30
CA ILE C 5 8.25 31.18 19.09
C ILE C 5 7.63 30.76 20.43
N SER C 6 8.13 31.26 21.56
CA SER C 6 7.60 30.87 22.87
C SER C 6 6.16 31.31 23.09
N HIS C 7 5.69 32.25 22.26
CA HIS C 7 4.35 32.82 22.38
C HIS C 7 3.28 31.98 21.69
N LEU C 8 3.68 31.02 20.85
CA LEU C 8 2.69 30.33 20.03
C LEU C 8 1.84 29.39 20.87
N ARG C 9 0.61 29.21 20.41
CA ARG C 9 -0.28 28.19 20.89
C ARG C 9 -0.55 27.25 19.72
N VAL C 10 -0.34 25.94 19.93
CA VAL C 10 -0.43 24.96 18.86
C VAL C 10 -1.44 23.89 19.25
N LEU C 11 -2.25 23.45 18.29
CA LEU C 11 -3.12 22.30 18.40
C LEU C 11 -2.58 21.15 17.55
N VAL C 12 -2.51 19.95 18.15
CA VAL C 12 -2.16 18.73 17.43
C VAL C 12 -3.34 17.78 17.53
N ALA C 13 -3.93 17.41 16.39
CA ALA C 13 -4.95 16.38 16.33
C ALA C 13 -4.32 15.12 15.76
N GLU C 14 -4.32 14.04 16.54
CA GLU C 14 -3.79 12.75 16.14
C GLU C 14 -4.47 11.69 16.99
N ASP C 15 -5.05 10.67 16.37
CA ASP C 15 -5.72 9.59 17.15
C ASP C 15 -4.73 8.56 17.67
N ASN C 16 -3.46 8.70 17.28
CA ASN C 16 -2.41 7.79 17.81
C ASN C 16 -1.61 8.53 18.88
N LEU C 17 -1.57 7.98 20.09
CA LEU C 17 -0.93 8.69 21.24
C LEU C 17 0.59 8.65 21.17
N VAL C 18 1.14 7.64 20.52
CA VAL C 18 2.62 7.62 20.34
C VAL C 18 2.98 8.78 19.42
N ASN C 19 2.19 8.94 18.37
CA ASN C 19 2.46 10.01 17.38
C ASN C 19 2.27 11.38 18.05
N GLN C 20 1.26 11.51 18.90
CA GLN C 20 1.07 12.78 19.65
C GLN C 20 2.34 13.10 20.44
N GLU C 21 2.88 12.11 21.13
CA GLU C 21 4.05 12.36 22.01
C GLU C 21 5.28 12.70 21.16
N VAL C 22 5.46 12.01 20.04
CA VAL C 22 6.59 12.34 19.19
C VAL C 22 6.52 13.80 18.76
N ILE C 23 5.38 14.22 18.23
CA ILE C 23 5.33 15.56 17.67
C ILE C 23 5.36 16.57 18.81
N SER C 24 4.75 16.25 19.96
CA SER C 24 4.80 17.12 21.13
CA SER C 24 4.80 17.12 21.14
C SER C 24 6.25 17.36 21.55
N ARG C 25 7.05 16.29 21.62
CA ARG C 25 8.44 16.43 22.02
C ARG C 25 9.21 17.29 21.02
N MET C 26 8.97 17.11 19.72
CA MET C 26 9.66 17.88 18.72
C MET C 26 9.30 19.35 18.84
N LEU C 27 8.01 19.64 19.02
CA LEU C 27 7.58 21.02 19.15
C LEU C 27 8.22 21.66 20.39
N LYS C 28 8.20 20.97 21.53
CA LYS C 28 8.81 21.49 22.75
C LYS C 28 10.29 21.78 22.54
N GLN C 29 11.01 20.88 21.85
CA GLN C 29 12.44 21.04 21.65
C GLN C 29 12.73 22.28 20.81
N GLU C 30 11.83 22.64 19.90
CA GLU C 30 11.99 23.82 19.06
C GLU C 30 11.61 25.10 19.81
N GLY C 31 10.96 24.96 20.96
CA GLY C 31 10.64 26.09 21.83
C GLY C 31 9.15 26.37 21.99
N ILE C 32 8.28 25.46 21.52
CA ILE C 32 6.85 25.60 21.75
C ILE C 32 6.55 25.32 23.23
N THR C 33 5.74 26.20 23.82
CA THR C 33 5.48 26.20 25.24
C THR C 33 4.02 25.89 25.59
N ASN C 34 3.12 25.95 24.60
CA ASN C 34 1.68 25.94 24.84
C ASN C 34 1.03 25.06 23.76
N LEU C 35 0.76 23.80 24.15
CA LEU C 35 0.34 22.73 23.25
CA LEU C 35 0.32 22.78 23.22
C LEU C 35 -0.97 22.12 23.75
N THR C 36 -1.90 21.84 22.83
CA THR C 36 -3.13 21.11 23.13
C THR C 36 -3.22 19.91 22.19
N MET C 37 -3.55 18.74 22.74
CA MET C 37 -3.76 17.51 21.97
C MET C 37 -5.25 17.27 21.77
N ALA C 38 -5.62 16.74 20.59
CA ALA C 38 -6.97 16.29 20.30
C ALA C 38 -6.89 14.90 19.71
N CYS C 39 -7.76 14.02 20.17
CA CYS C 39 -7.71 12.59 19.73
C CYS C 39 -8.57 12.33 18.49
N ASN C 40 -9.43 13.26 18.13
CA ASN C 40 -10.21 13.11 16.91
C ASN C 40 -10.65 14.49 16.42
N GLY C 41 -11.34 14.54 15.27
CA GLY C 41 -11.70 15.82 14.67
C GLY C 41 -12.78 16.56 15.46
N ALA C 42 -13.62 15.82 16.18
CA ALA C 42 -14.66 16.45 16.99
C ALA C 42 -14.02 17.19 18.16
N LYS C 43 -13.03 16.56 18.81
CA LYS C 43 -12.29 17.22 19.87
C LYS C 43 -11.52 18.42 19.31
N ALA C 44 -10.95 18.28 18.11
CA ALA C 44 -10.21 19.39 17.53
C ALA C 44 -11.12 20.59 17.35
N ILE C 45 -12.28 20.38 16.75
CA ILE C 45 -13.24 21.45 16.54
C ILE C 45 -13.59 22.11 17.87
N ASP C 46 -13.87 21.28 18.89
CA ASP C 46 -14.27 21.78 20.19
C ASP C 46 -13.17 22.69 20.75
N PHE C 47 -11.90 22.28 20.61
CA PHE C 47 -10.80 23.09 21.13
C PHE C 47 -10.64 24.41 20.37
N VAL C 48 -10.82 24.40 19.06
CA VAL C 48 -10.73 25.63 18.32
C VAL C 48 -11.88 26.54 18.76
N LYS C 49 -13.09 26.00 18.91
CA LYS C 49 -14.23 26.83 19.34
C LYS C 49 -13.87 27.49 20.67
N GLU C 50 -13.38 26.70 21.61
CA GLU C 50 -13.05 27.20 22.94
C GLU C 50 -11.98 28.29 22.83
N SER C 51 -10.99 28.08 21.95
CA SER C 51 -9.90 29.02 21.81
C SER C 51 -10.41 30.37 21.31
N ILE C 52 -11.46 30.36 20.50
CA ILE C 52 -12.03 31.59 19.96
C ILE C 52 -12.89 32.25 21.04
N GLU C 53 -13.69 31.47 21.73
CA GLU C 53 -14.55 31.95 22.82
C GLU C 53 -13.71 32.69 23.86
N ASN C 54 -12.47 32.21 24.10
CA ASN C 54 -11.65 32.72 25.20
C ASN C 54 -10.56 33.66 24.73
N ASN C 55 -10.53 33.99 23.43
CA ASN C 55 -9.50 34.82 22.83
C ASN C 55 -8.11 34.29 23.16
N GLU C 56 -7.94 32.97 23.06
CA GLU C 56 -6.65 32.32 23.24
C GLU C 56 -6.38 31.48 21.98
N ASN C 57 -6.34 32.19 20.86
CA ASN C 57 -6.43 31.54 19.56
C ASN C 57 -5.19 30.70 19.27
N PHE C 58 -5.38 29.65 18.47
CA PHE C 58 -4.26 28.84 18.02
C PHE C 58 -3.56 29.54 16.86
N ASP C 59 -2.22 29.51 16.86
CA ASP C 59 -1.42 30.07 15.79
C ASP C 59 -1.20 29.06 14.65
N LEU C 60 -1.34 27.76 14.96
CA LEU C 60 -0.93 26.69 14.08
C LEU C 60 -1.66 25.42 14.49
N ILE C 61 -2.14 24.64 13.50
CA ILE C 61 -2.79 23.36 13.77
C ILE C 61 -2.09 22.30 12.93
N PHE C 62 -1.76 21.19 13.58
CA PHE C 62 -1.36 19.97 12.89
C PHE C 62 -2.53 19.00 12.94
N MET C 63 -2.97 18.54 11.77
CA MET C 63 -4.22 17.81 11.66
C MET C 63 -3.97 16.48 10.98
N ASP C 64 -4.11 15.40 11.74
CA ASP C 64 -4.12 14.06 11.16
C ASP C 64 -5.27 13.93 10.19
N VAL C 65 -5.06 13.33 9.02
CA VAL C 65 -6.11 13.24 8.02
C VAL C 65 -7.13 12.17 8.43
N GLN C 66 -6.67 11.01 8.90
CA GLN C 66 -7.57 9.94 9.28
C GLN C 66 -7.68 9.82 10.80
N MET C 67 -8.88 10.11 11.30
CA MET C 67 -9.26 10.01 12.70
C MET C 67 -10.70 9.55 12.81
N PRO C 68 -11.05 8.85 13.89
CA PRO C 68 -12.43 8.37 14.07
C PRO C 68 -13.39 9.49 14.40
N GLU C 69 -14.68 9.22 14.15
CA GLU C 69 -15.80 10.07 14.51
C GLU C 69 -15.90 11.24 13.52
N VAL C 70 -14.87 12.10 13.51
CA VAL C 70 -14.74 13.17 12.53
C VAL C 70 -13.30 13.16 12.04
N ASP C 71 -13.08 12.98 10.74
CA ASP C 71 -11.71 12.90 10.24
C ASP C 71 -11.16 14.31 10.05
N GLY C 72 -9.88 14.37 9.66
CA GLY C 72 -9.19 15.66 9.54
C GLY C 72 -9.72 16.54 8.42
N LEU C 73 -10.24 15.95 7.33
CA LEU C 73 -10.79 16.71 6.23
C LEU C 73 -12.06 17.43 6.70
N LYS C 74 -12.92 16.69 7.38
CA LYS C 74 -14.17 17.28 7.85
C LYS C 74 -13.87 18.32 8.92
N ALA C 75 -12.93 18.02 9.81
CA ALA C 75 -12.59 18.99 10.85
C ALA C 75 -12.03 20.26 10.22
N THR C 76 -11.16 20.13 9.24
CA THR C 76 -10.49 21.26 8.64
C THR C 76 -11.53 22.14 7.96
N LYS C 77 -12.49 21.50 7.27
CA LYS C 77 -13.51 22.24 6.54
C LYS C 77 -14.36 23.07 7.52
N MET C 78 -14.71 22.46 8.67
CA MET C 78 -15.49 23.15 9.69
C MET C 78 -14.71 24.32 10.28
N ILE C 79 -13.44 24.08 10.58
CA ILE C 79 -12.58 25.07 11.18
C ILE C 79 -12.35 26.25 10.21
N ARG C 80 -12.20 25.97 8.92
CA ARG C 80 -12.00 27.05 7.95
C ARG C 80 -13.28 27.85 7.74
N LYS C 81 -14.41 27.16 7.62
CA LYS C 81 -15.65 27.82 7.24
C LYS C 81 -16.36 28.37 8.48
N ASN C 82 -16.89 27.49 9.32
CA ASN C 82 -17.68 27.92 10.46
C ASN C 82 -16.83 28.77 11.42
N LEU C 83 -15.56 28.40 11.64
CA LEU C 83 -14.77 29.08 12.66
C LEU C 83 -13.79 30.09 12.05
N GLN C 84 -13.83 30.30 10.73
CA GLN C 84 -13.10 31.36 10.05
C GLN C 84 -11.62 31.33 10.38
N TYR C 85 -11.06 30.13 10.53
CA TYR C 85 -9.65 30.01 10.86
C TYR C 85 -8.81 30.26 9.61
N ASN C 86 -7.85 31.17 9.69
CA ASN C 86 -7.09 31.53 8.49
C ASN C 86 -5.60 31.29 8.68
N LYS C 87 -5.19 30.58 9.74
CA LYS C 87 -3.78 30.33 9.98
C LYS C 87 -3.43 28.94 9.47
N PRO C 88 -2.15 28.54 9.44
CA PRO C 88 -1.81 27.26 8.83
C PRO C 88 -2.44 26.05 9.53
N ILE C 89 -2.92 25.12 8.71
CA ILE C 89 -3.34 23.79 9.10
C ILE C 89 -2.53 22.79 8.29
N ILE C 90 -1.67 22.04 9.00
CA ILE C 90 -0.71 21.15 8.36
C ILE C 90 -1.23 19.73 8.47
N ALA C 91 -1.49 19.10 7.32
CA ALA C 91 -2.00 17.74 7.25
C ALA C 91 -0.88 16.77 7.60
N LEU C 92 -1.20 15.77 8.42
CA LEU C 92 -0.32 14.64 8.67
C LEU C 92 -0.91 13.44 7.96
N THR C 93 -0.17 12.88 7.01
CA THR C 93 -0.71 11.85 6.14
C THR C 93 0.31 10.75 5.93
N ALA C 94 -0.17 9.50 5.83
CA ALA C 94 0.73 8.41 5.53
C ALA C 94 0.95 8.26 4.03
N PHE C 95 0.11 8.91 3.22
CA PHE C 95 0.18 8.67 1.78
C PHE C 95 -0.47 9.83 1.04
N ALA C 96 0.33 10.50 0.24
CA ALA C 96 -0.10 11.67 -0.49
C ALA C 96 -0.09 11.37 -1.99
N ASP C 97 -1.24 11.06 -2.58
CA ASP C 97 -1.35 10.90 -4.01
C ASP C 97 -2.15 12.06 -4.60
N GLU C 98 -2.16 12.17 -5.93
CA GLU C 98 -2.83 13.29 -6.59
C GLU C 98 -4.25 13.46 -6.06
N SER C 99 -5.02 12.36 -6.06
CA SER C 99 -6.44 12.40 -5.70
C SER C 99 -6.62 12.90 -4.27
N ASN C 100 -5.93 12.28 -3.32
CA ASN C 100 -6.20 12.57 -1.92
C ASN C 100 -5.61 13.94 -1.53
N VAL C 101 -4.54 14.37 -2.20
CA VAL C 101 -4.00 15.71 -1.99
C VAL C 101 -5.02 16.77 -2.42
N LYS C 102 -5.67 16.55 -3.58
CA LYS C 102 -6.68 17.49 -4.04
C LYS C 102 -7.80 17.59 -3.03
N GLU C 103 -8.21 16.44 -2.47
CA GLU C 103 -9.24 16.40 -1.43
C GLU C 103 -8.79 17.26 -0.24
N CYS C 104 -7.54 17.09 0.18
CA CYS C 104 -7.01 17.80 1.33
C CYS C 104 -6.96 19.30 1.06
N LEU C 105 -6.47 19.70 -0.12
CA LEU C 105 -6.46 21.11 -0.50
C LEU C 105 -7.87 21.70 -0.49
N ASN C 106 -8.84 20.95 -1.04
CA ASN C 106 -10.22 21.42 -1.09
C ASN C 106 -10.79 21.63 0.31
N SER C 107 -10.41 20.77 1.27
CA SER C 107 -10.88 20.84 2.65
CA SER C 107 -10.90 20.86 2.63
C SER C 107 -10.30 22.06 3.35
N GLY C 108 -9.16 22.56 2.87
CA GLY C 108 -8.53 23.77 3.38
C GLY C 108 -7.18 23.54 4.08
N MET C 109 -6.53 22.38 3.88
CA MET C 109 -5.18 22.19 4.41
C MET C 109 -4.22 23.15 3.73
N SER C 110 -3.25 23.68 4.50
CA SER C 110 -2.27 24.69 4.07
CA SER C 110 -2.33 24.64 3.90
C SER C 110 -0.93 24.07 3.76
N GLY C 111 -0.68 22.92 4.37
CA GLY C 111 0.63 22.31 4.38
C GLY C 111 0.48 20.82 4.65
N PHE C 112 1.56 20.08 4.42
CA PHE C 112 1.55 18.62 4.51
C PHE C 112 2.89 18.11 4.98
N ILE C 113 2.84 17.09 5.85
CA ILE C 113 4.00 16.28 6.17
C ILE C 113 3.58 14.82 6.02
N THR C 114 4.39 14.03 5.31
CA THR C 114 4.14 12.61 5.26
C THR C 114 4.78 11.96 6.48
N LYS C 115 4.00 11.08 7.11
CA LYS C 115 4.45 10.36 8.28
C LYS C 115 5.55 9.37 7.89
N PRO C 116 6.46 9.02 8.81
CA PRO C 116 6.51 9.59 10.16
C PRO C 116 7.09 11.00 10.18
N ILE C 117 6.85 11.71 11.27
CA ILE C 117 7.28 13.09 11.38
C ILE C 117 8.77 13.13 11.70
N SER C 118 9.48 14.06 11.05
CA SER C 118 10.89 14.31 11.33
C SER C 118 11.03 15.69 11.97
N LYS C 119 11.99 15.83 12.87
CA LYS C 119 12.30 17.11 13.46
C LYS C 119 12.57 18.15 12.37
N THR C 120 13.16 17.75 11.25
CA THR C 120 13.43 18.66 10.15
C THR C 120 12.13 19.28 9.63
N ASN C 121 11.07 18.49 9.52
CA ASN C 121 9.79 19.01 9.05
C ASN C 121 9.23 20.03 10.03
N ILE C 122 9.30 19.72 11.32
CA ILE C 122 8.76 20.63 12.31
C ILE C 122 9.51 21.95 12.29
N LYS C 123 10.85 21.89 12.25
CA LYS C 123 11.68 23.08 12.17
C LYS C 123 11.27 23.94 10.99
N LYS C 124 11.09 23.31 9.83
CA LYS C 124 10.81 24.05 8.61
C LYS C 124 9.44 24.74 8.69
N VAL C 125 8.42 24.06 9.21
CA VAL C 125 7.10 24.63 9.32
C VAL C 125 7.12 25.82 10.29
N LEU C 126 7.99 25.77 11.29
CA LEU C 126 7.98 26.81 12.32
C LEU C 126 8.73 28.05 11.87
N VAL C 127 9.51 27.99 10.78
CA VAL C 127 10.34 29.14 10.40
C VAL C 127 9.48 30.39 10.22
N GLU C 128 8.33 30.28 9.55
CA GLU C 128 7.51 31.45 9.30
C GLU C 128 6.97 32.06 10.59
N PHE C 129 6.97 31.32 11.72
CA PHE C 129 6.39 31.81 12.96
C PHE C 129 7.40 32.51 13.85
N LEU C 130 8.71 32.39 13.55
CA LEU C 130 9.72 33.10 14.32
C LEU C 130 9.41 34.59 14.29
N SER C 131 9.34 35.24 15.46
CA SER C 131 9.16 36.69 15.47
C SER C 131 9.67 37.31 16.78
N PRO D 2 8.07 5.53 12.90
CA PRO D 2 8.29 4.58 11.79
C PRO D 2 6.95 4.19 11.17
N GLY D 3 6.24 3.24 11.77
CA GLY D 3 4.88 2.92 11.33
C GLY D 3 3.78 2.64 12.36
N ASP D 4 3.75 3.41 13.44
CA ASP D 4 3.02 3.01 14.67
C ASP D 4 1.55 2.71 14.38
N ILE D 5 1.11 1.50 14.75
CA ILE D 5 -0.31 1.09 14.55
C ILE D 5 -0.92 0.65 15.88
N SER D 6 -0.38 1.15 16.99
CA SER D 6 -0.85 0.75 18.31
C SER D 6 -2.26 1.24 18.62
N HIS D 7 -2.80 2.12 17.77
CA HIS D 7 -4.13 2.68 17.96
C HIS D 7 -5.22 1.92 17.19
N LEU D 8 -4.84 1.03 16.27
CA LEU D 8 -5.82 0.34 15.43
C LEU D 8 -6.64 -0.67 16.22
N ARG D 9 -7.90 -0.81 15.81
CA ARG D 9 -8.83 -1.78 16.37
C ARG D 9 -9.15 -2.78 15.27
N VAL D 10 -8.86 -4.06 15.54
CA VAL D 10 -8.95 -5.09 14.53
C VAL D 10 -9.89 -6.21 14.98
N LEU D 11 -10.71 -6.68 14.03
CA LEU D 11 -11.58 -7.83 14.20
C LEU D 11 -11.00 -8.99 13.38
N VAL D 12 -10.89 -10.15 14.02
CA VAL D 12 -10.57 -11.37 13.31
C VAL D 12 -11.71 -12.37 13.51
N ALA D 13 -12.27 -12.83 12.42
CA ALA D 13 -13.23 -13.93 12.46
C ALA D 13 -12.54 -15.18 11.92
N GLU D 14 -12.50 -16.20 12.77
CA GLU D 14 -11.85 -17.46 12.47
C GLU D 14 -12.48 -18.48 13.41
N ASP D 15 -13.01 -19.57 12.86
CA ASP D 15 -13.58 -20.66 13.70
C ASP D 15 -12.49 -21.56 14.28
N ASN D 16 -11.28 -21.47 13.75
CA ASN D 16 -10.14 -22.27 14.27
C ASN D 16 -9.46 -21.47 15.37
N LEU D 17 -9.56 -21.95 16.61
CA LEU D 17 -9.05 -21.14 17.75
C LEU D 17 -7.52 -21.15 17.80
N VAL D 18 -6.90 -22.20 17.27
CA VAL D 18 -5.41 -22.21 17.18
C VAL D 18 -5.01 -21.11 16.19
N ASN D 19 -5.69 -21.07 15.05
CA ASN D 19 -5.42 -20.02 14.05
C ASN D 19 -5.63 -18.63 14.64
N GLN D 20 -6.67 -18.47 15.46
CA GLN D 20 -6.93 -17.15 16.09
C GLN D 20 -5.67 -16.71 16.84
N GLU D 21 -5.09 -17.65 17.58
CA GLU D 21 -3.91 -17.29 18.41
C GLU D 21 -2.72 -17.00 17.50
N VAL D 22 -2.60 -17.71 16.39
CA VAL D 22 -1.45 -17.50 15.52
C VAL D 22 -1.56 -16.11 14.88
N ILE D 23 -2.75 -15.75 14.38
CA ILE D 23 -2.94 -14.46 13.74
C ILE D 23 -2.79 -13.36 14.80
N SER D 24 -3.28 -13.61 16.02
CA SER D 24 -3.18 -12.62 17.07
CA SER D 24 -3.18 -12.65 17.10
C SER D 24 -1.72 -12.34 17.37
N ARG D 25 -0.92 -13.39 17.49
CA ARG D 25 0.51 -13.19 17.74
C ARG D 25 1.15 -12.38 16.62
N MET D 26 0.83 -12.68 15.36
CA MET D 26 1.41 -11.98 14.24
C MET D 26 1.03 -10.50 14.26
N LEU D 27 -0.24 -10.21 14.51
CA LEU D 27 -0.68 -8.83 14.55
C LEU D 27 -0.03 -8.07 15.70
N LYS D 28 0.11 -8.73 16.87
CA LYS D 28 0.75 -8.08 18.02
C LYS D 28 2.22 -7.80 17.73
N GLN D 29 2.90 -8.70 16.99
CA GLN D 29 4.29 -8.50 16.64
C GLN D 29 4.48 -7.25 15.78
N GLU D 30 3.46 -6.90 14.97
CA GLU D 30 3.51 -5.72 14.11
C GLU D 30 3.11 -4.45 14.86
N GLY D 31 2.60 -4.61 16.10
CA GLY D 31 2.30 -3.49 16.96
C GLY D 31 0.81 -3.31 17.24
N ILE D 32 -0.04 -4.22 16.74
CA ILE D 32 -1.47 -4.17 17.06
C ILE D 32 -1.65 -4.48 18.54
N THR D 33 -2.51 -3.71 19.19
CA THR D 33 -2.76 -3.85 20.62
C THR D 33 -4.22 -4.20 20.91
N ASN D 34 -5.14 -3.95 19.96
CA ASN D 34 -6.55 -3.97 20.24
C ASN D 34 -7.24 -4.90 19.24
N LEU D 35 -7.47 -6.13 19.68
CA LEU D 35 -7.93 -7.23 18.84
C LEU D 35 -9.19 -7.82 19.44
N THR D 36 -10.20 -8.13 18.61
CA THR D 36 -11.40 -8.86 19.00
C THR D 36 -11.48 -10.09 18.11
N MET D 37 -11.82 -11.22 18.73
CA MET D 37 -11.94 -12.49 18.03
C MET D 37 -13.40 -12.87 17.89
N ALA D 38 -13.78 -13.40 16.73
CA ALA D 38 -15.10 -13.92 16.47
C ALA D 38 -14.98 -15.34 15.93
N CYS D 39 -15.79 -16.29 16.42
CA CYS D 39 -15.63 -17.67 15.98
C CYS D 39 -16.61 -18.08 14.89
N ASN D 40 -17.50 -17.19 14.49
CA ASN D 40 -18.32 -17.45 13.31
C ASN D 40 -18.84 -16.12 12.76
N GLY D 41 -19.52 -16.17 11.62
CA GLY D 41 -19.97 -14.97 10.95
C GLY D 41 -21.03 -14.18 11.72
N ALA D 42 -21.87 -14.89 12.47
CA ALA D 42 -22.92 -14.26 13.27
C ALA D 42 -22.27 -13.41 14.36
N LYS D 43 -21.26 -13.98 15.03
CA LYS D 43 -20.53 -13.26 16.07
C LYS D 43 -19.81 -12.06 15.45
N ALA D 44 -19.26 -12.23 14.24
CA ALA D 44 -18.60 -11.12 13.58
C ALA D 44 -19.57 -9.96 13.34
N ILE D 45 -20.75 -10.28 12.80
CA ILE D 45 -21.76 -9.26 12.59
C ILE D 45 -22.08 -8.57 13.93
N ASP D 46 -22.24 -9.35 15.00
CA ASP D 46 -22.65 -8.78 16.29
C ASP D 46 -21.58 -7.83 16.81
N PHE D 47 -20.29 -8.17 16.63
CA PHE D 47 -19.24 -7.27 17.09
C PHE D 47 -19.21 -6.00 16.26
N VAL D 48 -19.47 -6.11 14.94
CA VAL D 48 -19.45 -4.89 14.14
C VAL D 48 -20.63 -4.01 14.56
N LYS D 49 -21.78 -4.60 14.83
CA LYS D 49 -22.93 -3.82 15.29
C LYS D 49 -22.59 -3.10 16.57
N GLU D 50 -22.02 -3.82 17.54
CA GLU D 50 -21.65 -3.23 18.83
C GLU D 50 -20.64 -2.12 18.59
N SER D 51 -19.68 -2.31 17.68
CA SER D 51 -18.63 -1.34 17.45
C SER D 51 -19.22 -0.02 16.94
N ILE D 52 -20.32 -0.12 16.18
CA ILE D 52 -20.99 1.04 15.65
C ILE D 52 -21.82 1.72 16.74
N GLU D 53 -22.57 0.91 17.48
CA GLU D 53 -23.38 1.41 18.59
C GLU D 53 -22.53 2.20 19.57
N ASN D 54 -21.30 1.74 19.78
CA ASN D 54 -20.41 2.26 20.81
C ASN D 54 -19.41 3.28 20.26
N ASN D 55 -19.43 3.57 18.96
CA ASN D 55 -18.51 4.52 18.36
C ASN D 55 -17.06 4.12 18.62
N GLU D 56 -16.78 2.82 18.44
CA GLU D 56 -15.44 2.25 18.54
C GLU D 56 -15.25 1.32 17.35
N ASN D 57 -15.24 1.94 16.17
CA ASN D 57 -15.34 1.21 14.92
C ASN D 57 -14.04 0.46 14.65
N PHE D 58 -14.18 -0.70 14.01
CA PHE D 58 -13.02 -1.45 13.57
C PHE D 58 -12.34 -0.81 12.38
N ASP D 59 -11.00 -0.80 12.41
CA ASP D 59 -10.19 -0.27 11.33
C ASP D 59 -9.99 -1.30 10.23
N LEU D 60 -9.99 -2.60 10.57
CA LEU D 60 -9.80 -3.67 9.59
C LEU D 60 -10.50 -4.90 10.12
N ILE D 61 -10.97 -5.74 9.21
CA ILE D 61 -11.53 -7.03 9.53
C ILE D 61 -10.80 -8.09 8.72
N PHE D 62 -10.33 -9.13 9.40
CA PHE D 62 -9.85 -10.34 8.73
C PHE D 62 -10.98 -11.35 8.84
N MET D 63 -11.47 -11.86 7.70
CA MET D 63 -12.68 -12.67 7.66
C MET D 63 -12.39 -14.04 7.05
N ASP D 64 -12.39 -15.06 7.89
CA ASP D 64 -12.30 -16.43 7.42
C ASP D 64 -13.52 -16.69 6.53
N VAL D 65 -13.31 -17.33 5.39
CA VAL D 65 -14.40 -17.53 4.46
C VAL D 65 -15.31 -18.65 4.93
N GLN D 66 -14.74 -19.81 5.30
CA GLN D 66 -15.50 -20.97 5.76
C GLN D 66 -15.53 -21.01 7.28
N MET D 67 -16.73 -20.76 7.80
CA MET D 67 -17.05 -20.85 9.21
C MET D 67 -18.46 -21.45 9.33
N PRO D 68 -18.74 -22.14 10.45
CA PRO D 68 -20.08 -22.68 10.71
C PRO D 68 -21.17 -21.64 10.93
N GLU D 69 -22.42 -22.06 10.65
CA GLU D 69 -23.63 -21.32 10.96
C GLU D 69 -23.81 -20.11 10.05
N VAL D 70 -22.88 -19.15 10.13
CA VAL D 70 -22.84 -18.03 9.22
C VAL D 70 -21.40 -17.95 8.74
N ASP D 71 -21.21 -18.09 7.44
CA ASP D 71 -19.86 -18.14 6.89
C ASP D 71 -19.41 -16.70 6.65
N GLY D 72 -18.19 -16.55 6.14
CA GLY D 72 -17.62 -15.23 5.96
C GLY D 72 -18.23 -14.43 4.81
N LEU D 73 -18.79 -15.13 3.80
CA LEU D 73 -19.43 -14.45 2.69
C LEU D 73 -20.70 -13.75 3.15
N LYS D 74 -21.51 -14.50 3.89
CA LYS D 74 -22.75 -13.95 4.43
C LYS D 74 -22.44 -12.80 5.39
N ALA D 75 -21.43 -12.97 6.23
CA ALA D 75 -21.08 -11.94 7.20
C ALA D 75 -20.62 -10.68 6.47
N THR D 76 -19.78 -10.85 5.44
CA THR D 76 -19.23 -9.71 4.72
C THR D 76 -20.35 -8.91 4.03
N LYS D 77 -21.31 -9.63 3.42
CA LYS D 77 -22.36 -8.95 2.71
C LYS D 77 -23.18 -8.08 3.67
N MET D 78 -23.49 -8.64 4.84
CA MET D 78 -24.23 -7.92 5.87
C MET D 78 -23.47 -6.70 6.36
N ILE D 79 -22.17 -6.88 6.62
CA ILE D 79 -21.34 -5.82 7.18
C ILE D 79 -21.22 -4.69 6.15
N ARG D 80 -21.10 -5.03 4.85
CA ARG D 80 -20.98 -4.00 3.83
C ARG D 80 -22.28 -3.24 3.57
N LYS D 81 -23.37 -3.99 3.43
CA LYS D 81 -24.65 -3.41 3.03
C LYS D 81 -25.35 -2.81 4.25
N ASN D 82 -25.78 -3.66 5.18
CA ASN D 82 -26.59 -3.18 6.28
C ASN D 82 -25.76 -2.28 7.18
N LEU D 83 -24.48 -2.62 7.40
CA LEU D 83 -23.70 -1.89 8.40
C LEU D 83 -22.77 -0.88 7.75
N GLN D 84 -22.81 -0.74 6.41
CA GLN D 84 -22.14 0.33 5.70
C GLN D 84 -20.64 0.39 6.00
N TYR D 85 -20.02 -0.78 6.24
CA TYR D 85 -18.60 -0.84 6.53
C TYR D 85 -17.80 -0.55 5.26
N ASN D 86 -16.88 0.42 5.31
CA ASN D 86 -16.15 0.85 4.13
C ASN D 86 -14.66 0.55 4.22
N LYS D 87 -14.19 -0.06 5.30
CA LYS D 87 -12.77 -0.30 5.51
C LYS D 87 -12.43 -1.72 5.05
N PRO D 88 -11.15 -2.11 5.08
CA PRO D 88 -10.79 -3.40 4.50
C PRO D 88 -11.43 -4.59 5.18
N ILE D 89 -11.90 -5.53 4.36
CA ILE D 89 -12.30 -6.84 4.82
C ILE D 89 -11.46 -7.83 4.01
N ILE D 90 -10.52 -8.50 4.69
CA ILE D 90 -9.54 -9.38 4.07
C ILE D 90 -10.03 -10.81 4.25
N ALA D 91 -10.30 -11.49 3.12
CA ALA D 91 -10.72 -12.88 3.12
C ALA D 91 -9.53 -13.78 3.45
N LEU D 92 -9.73 -14.72 4.40
CA LEU D 92 -8.79 -15.79 4.65
C LEU D 92 -9.38 -17.02 3.97
N THR D 93 -8.76 -17.45 2.88
CA THR D 93 -9.34 -18.49 2.03
C THR D 93 -8.40 -19.69 1.97
N ALA D 94 -9.00 -20.87 1.94
CA ALA D 94 -8.28 -22.13 1.84
C ALA D 94 -8.02 -22.47 0.38
N PHE D 95 -8.72 -21.82 -0.55
CA PHE D 95 -8.65 -22.17 -1.95
C PHE D 95 -9.33 -21.10 -2.77
N ALA D 96 -8.55 -20.49 -3.67
CA ALA D 96 -9.01 -19.38 -4.50
C ALA D 96 -9.05 -19.82 -5.95
N ASP D 97 -10.25 -19.98 -6.50
CA ASP D 97 -10.42 -20.19 -7.92
C ASP D 97 -11.32 -19.11 -8.50
N GLU D 98 -11.44 -19.10 -9.83
CA GLU D 98 -12.13 -18.01 -10.49
C GLU D 98 -13.55 -17.86 -9.93
N SER D 99 -14.28 -18.98 -9.81
CA SER D 99 -15.67 -18.95 -9.39
C SER D 99 -15.81 -18.42 -7.97
N ASN D 100 -15.03 -18.97 -7.04
CA ASN D 100 -15.21 -18.62 -5.63
C ASN D 100 -14.61 -17.26 -5.32
N VAL D 101 -13.65 -16.78 -6.13
CA VAL D 101 -13.13 -15.43 -5.96
C VAL D 101 -14.18 -14.43 -6.41
N LYS D 102 -14.93 -14.75 -7.47
CA LYS D 102 -16.01 -13.88 -7.90
C LYS D 102 -17.09 -13.80 -6.83
N GLU D 103 -17.39 -14.92 -6.17
CA GLU D 103 -18.32 -14.92 -5.04
C GLU D 103 -17.83 -13.97 -3.95
N CYS D 104 -16.54 -14.11 -3.59
CA CYS D 104 -15.94 -13.31 -2.53
C CYS D 104 -16.03 -11.83 -2.88
N LEU D 105 -15.71 -11.45 -4.12
CA LEU D 105 -15.76 -10.07 -4.57
C LEU D 105 -17.18 -9.52 -4.49
N ASN D 106 -18.13 -10.34 -4.96
CA ASN D 106 -19.53 -9.96 -4.95
C ASN D 106 -20.02 -9.74 -3.52
N SER D 107 -19.50 -10.48 -2.55
CA SER D 107 -19.95 -10.36 -1.16
C SER D 107 -19.36 -9.09 -0.52
N GLY D 108 -18.26 -8.59 -1.08
CA GLY D 108 -17.66 -7.34 -0.67
C GLY D 108 -16.26 -7.47 -0.03
N MET D 109 -15.59 -8.61 -0.22
CA MET D 109 -14.21 -8.74 0.24
C MET D 109 -13.32 -7.77 -0.52
N SER D 110 -12.37 -7.13 0.16
CA SER D 110 -11.52 -6.16 -0.52
C SER D 110 -10.08 -6.64 -0.65
N GLY D 111 -9.76 -7.73 0.05
CA GLY D 111 -8.42 -8.29 0.12
C GLY D 111 -8.55 -9.80 0.29
N PHE D 112 -7.48 -10.54 -0.06
CA PHE D 112 -7.46 -11.98 0.09
C PHE D 112 -6.08 -12.48 0.49
N ILE D 113 -6.04 -13.47 1.40
CA ILE D 113 -4.83 -14.20 1.72
C ILE D 113 -5.17 -15.67 1.67
N THR D 114 -4.44 -16.47 0.88
CA THR D 114 -4.58 -17.92 0.96
C THR D 114 -3.87 -18.43 2.21
N LYS D 115 -4.59 -19.27 2.96
CA LYS D 115 -4.08 -19.89 4.16
C LYS D 115 -2.99 -20.88 3.80
N PRO D 116 -1.99 -21.12 4.69
CA PRO D 116 -1.86 -20.37 5.95
C PRO D 116 -1.32 -18.96 5.78
N ILE D 117 -1.73 -18.07 6.69
CA ILE D 117 -1.28 -16.69 6.67
C ILE D 117 0.22 -16.65 7.00
N SER D 118 0.94 -15.76 6.33
CA SER D 118 2.33 -15.46 6.66
C SER D 118 2.42 -14.05 7.23
N LYS D 119 3.43 -13.82 8.06
CA LYS D 119 3.75 -12.49 8.57
C LYS D 119 3.86 -11.48 7.43
N THR D 120 4.43 -11.91 6.31
CA THR D 120 4.64 -11.01 5.18
C THR D 120 3.31 -10.50 4.63
N ASN D 121 2.30 -11.37 4.63
CA ASN D 121 0.97 -10.99 4.20
C ASN D 121 0.34 -9.97 5.14
N ILE D 122 0.47 -10.20 6.44
CA ILE D 122 -0.05 -9.28 7.42
C ILE D 122 0.61 -7.91 7.27
N LYS D 123 1.93 -7.89 7.10
CA LYS D 123 2.64 -6.62 6.95
C LYS D 123 2.09 -5.86 5.75
N LYS D 124 1.94 -6.57 4.61
CA LYS D 124 1.47 -5.90 3.42
C LYS D 124 0.08 -5.31 3.58
N VAL D 125 -0.85 -6.06 4.22
CA VAL D 125 -2.19 -5.57 4.45
C VAL D 125 -2.14 -4.29 5.29
N LEU D 126 -1.28 -4.27 6.30
CA LEU D 126 -1.21 -3.14 7.21
C LEU D 126 -0.66 -1.91 6.51
N VAL D 127 0.37 -2.08 5.68
CA VAL D 127 0.93 -0.96 4.90
C VAL D 127 -0.16 -0.42 3.97
N GLU D 128 -0.88 -1.30 3.27
CA GLU D 128 -1.89 -0.86 2.31
C GLU D 128 -3.01 -0.08 3.01
N PHE D 129 -3.39 -0.49 4.21
CA PHE D 129 -4.50 0.13 4.91
C PHE D 129 -4.18 1.54 5.41
N LEU D 130 -2.95 1.78 5.88
CA LEU D 130 -2.62 3.04 6.51
C LEU D 130 -2.62 4.15 5.45
#